data_5JZB
#
_entry.id   5JZB
#
_cell.length_a   82.030
_cell.length_b   82.330
_cell.length_c   194.250
_cell.angle_alpha   90.000
_cell.angle_beta   90.000
_cell.angle_gamma   90.000
#
_symmetry.space_group_name_H-M   'I 21 21 21'
#
loop_
_entity.id
_entity.type
_entity.pdbx_description
1 polymer '4,5:9,10-diseco-3-hydroxy-5,9,17-trioxoandrosta-1(10),2-diene-4-oate hydrolase'
2 non-polymer 3,5-dichlorobenzene-1-sulfonamide
3 non-polymer 'PHOSPHATE ION'
4 water water
#
_entity_poly.entity_id   1
_entity_poly.type   'polypeptide(L)'
_entity_poly.pdbx_seq_one_letter_code
;LTFESTSRFAEVDVDGPLKLHYHEAGVGNDQTVVLLHGGGPGAASWTNFSRNIAVLARHFHVLAVDQPGYGHSDKRAEHG
QFNRYAAMALKGLFDQLGLGRVPLVGNSLGGGTAVRFALDYPARAGRLVLMGPGGLSINLFAPDPTEGVKRLSKFSVAPT
RENLEAFLRVMVYDKNLITPELVDQRFALASTPESLTATRAMGKSFAGADFEAGMMWREVYRLRQPVLLIWGREDRVNPL
DGALVALKTIPRAQLHVFGQCGHWVQVEKFDEFNKLTIEFLG
;
_entity_poly.pdbx_strand_id   A,B
#
loop_
_chem_comp.id
_chem_comp.type
_chem_comp.name
_chem_comp.formula
6OT non-polymer 3,5-dichlorobenzene-1-sulfonamide 'C6 H5 Cl2 N O2 S'
PO4 non-polymer 'PHOSPHATE ION' 'O4 P -3'
#
# COMPACT_ATOMS: atom_id res chain seq x y z
N LEU A 1 36.26 -12.07 10.84
CA LEU A 1 35.22 -11.12 11.25
C LEU A 1 34.08 -11.67 12.08
N THR A 2 34.11 -11.23 13.33
CA THR A 2 33.09 -11.44 14.32
C THR A 2 32.63 -10.06 14.80
N PHE A 3 31.60 -10.03 15.63
CA PHE A 3 31.05 -8.78 16.11
C PHE A 3 32.15 -8.07 16.90
N GLU A 4 32.88 -8.84 17.69
CA GLU A 4 33.90 -8.31 18.60
C GLU A 4 35.14 -7.78 17.89
N SER A 5 35.63 -8.50 16.89
CA SER A 5 36.86 -8.10 16.21
C SER A 5 36.64 -6.78 15.49
N THR A 6 35.45 -6.59 14.94
CA THR A 6 35.18 -5.38 14.17
C THR A 6 34.67 -4.23 15.02
N SER A 7 34.22 -4.50 16.24
CA SER A 7 33.60 -3.47 17.07
C SER A 7 34.55 -2.31 17.36
N ARG A 8 34.03 -1.09 17.27
CA ARG A 8 34.79 0.12 17.56
C ARG A 8 33.86 1.13 18.18
N PHE A 9 34.41 2.01 19.01
CA PHE A 9 33.61 3.09 19.59
C PHE A 9 34.31 4.39 19.26
N ALA A 10 33.53 5.45 19.11
CA ALA A 10 34.08 6.80 19.01
C ALA A 10 33.18 7.74 19.79
N GLU A 11 33.74 8.82 20.30
CA GLU A 11 32.94 9.87 20.93
C GLU A 11 33.10 11.11 20.07
N VAL A 12 31.96 11.63 19.63
CA VAL A 12 31.89 12.80 18.77
C VAL A 12 31.07 13.84 19.50
N ASP A 13 30.98 15.04 18.93
CA ASP A 13 30.27 16.13 19.59
C ASP A 13 29.06 16.61 18.80
N VAL A 14 27.90 16.38 19.39
CA VAL A 14 26.64 16.85 18.83
C VAL A 14 25.83 17.44 19.97
N ASP A 15 25.95 18.76 20.15
CA ASP A 15 25.49 19.40 21.39
C ASP A 15 25.95 18.58 22.60
N GLY A 16 27.20 18.13 22.59
CA GLY A 16 27.74 17.38 23.71
C GLY A 16 28.20 16.02 23.27
N PRO A 17 29.02 15.35 24.09
CA PRO A 17 29.59 14.04 23.74
C PRO A 17 28.51 13.05 23.32
N LEU A 18 28.80 12.28 22.28
CA LEU A 18 27.87 11.31 21.75
C LEU A 18 28.70 10.09 21.40
N LYS A 19 28.42 8.96 22.04
CA LYS A 19 29.16 7.75 21.75
C LYS A 19 28.56 7.06 20.53
N LEU A 20 29.39 6.81 19.53
CA LEU A 20 28.95 6.08 18.35
C LEU A 20 29.65 4.75 18.35
N HIS A 21 28.89 3.69 18.12
CA HIS A 21 29.46 2.38 17.91
C HIS A 21 29.49 2.12 16.42
N TYR A 22 30.56 1.52 15.93
CA TYR A 22 30.59 1.06 14.54
C TYR A 22 31.44 -0.18 14.43
N HIS A 23 31.41 -0.78 13.24
CA HIS A 23 32.23 -1.92 12.91
C HIS A 23 33.19 -1.51 11.81
N GLU A 24 34.44 -1.92 11.92
CA GLU A 24 35.44 -1.60 10.92
C GLU A 24 36.00 -2.90 10.36
N ALA A 25 36.06 -2.98 9.04
CA ALA A 25 36.66 -4.12 8.39
C ALA A 25 37.39 -3.81 7.09
N GLY A 26 38.06 -4.85 6.60
CA GLY A 26 38.86 -4.83 5.40
C GLY A 26 39.96 -3.80 5.46
N VAL A 27 40.48 -3.57 6.66
CA VAL A 27 41.47 -2.52 6.86
C VAL A 27 42.60 -2.68 5.84
N GLY A 28 43.04 -1.56 5.30
CA GLY A 28 44.18 -1.51 4.40
C GLY A 28 43.76 -1.29 2.96
N ASN A 29 42.46 -1.29 2.70
CA ASN A 29 42.02 -1.19 1.32
C ASN A 29 42.03 0.32 1.08
N ASP A 30 42.27 0.76 -0.14
CA ASP A 30 42.44 2.19 -0.41
C ASP A 30 41.14 2.99 -0.22
N GLN A 31 40.01 2.41 -0.64
CA GLN A 31 38.76 3.16 -0.72
C GLN A 31 37.82 2.74 0.39
N THR A 32 37.46 3.75 1.20
CA THR A 32 36.58 3.61 2.35
C THR A 32 35.12 3.70 1.95
N VAL A 33 34.27 2.89 2.59
CA VAL A 33 32.84 2.98 2.37
C VAL A 33 32.12 2.94 3.70
N VAL A 34 31.09 3.77 3.84
CA VAL A 34 30.32 3.84 5.08
C VAL A 34 28.96 3.21 4.84
N LEU A 35 28.54 2.31 5.73
CA LEU A 35 27.26 1.64 5.61
C LEU A 35 26.35 2.17 6.71
N LEU A 36 25.12 2.50 6.36
CA LEU A 36 24.13 3.03 7.31
C LEU A 36 22.87 2.16 7.29
N HIS A 37 22.57 1.53 8.43
CA HIS A 37 21.50 0.55 8.52
C HIS A 37 20.09 1.14 8.49
N GLY A 38 19.12 0.25 8.26
CA GLY A 38 17.71 0.60 8.26
C GLY A 38 17.18 0.77 9.67
N GLY A 39 15.95 1.26 9.79
CA GLY A 39 15.36 1.43 11.12
C GLY A 39 14.62 0.16 11.49
N GLY A 40 13.61 0.28 12.34
CA GLY A 40 12.90 -0.89 12.81
C GLY A 40 13.44 -1.29 14.18
N PRO A 41 12.60 -1.87 15.05
CA PRO A 41 13.04 -2.16 16.42
C PRO A 41 14.16 -3.18 16.46
N GLY A 42 15.20 -2.93 17.25
CA GLY A 42 16.25 -3.91 17.43
C GLY A 42 17.33 -3.83 16.38
N ALA A 43 17.15 -2.96 15.39
CA ALA A 43 18.10 -2.85 14.28
C ALA A 43 19.45 -2.30 14.73
N ALA A 44 20.50 -2.77 14.05
CA ALA A 44 21.86 -2.29 14.27
C ALA A 44 22.71 -2.66 13.06
N SER A 45 23.95 -2.21 13.04
CA SER A 45 24.82 -2.41 11.88
C SER A 45 25.12 -3.88 11.60
N TRP A 46 25.51 -4.63 12.63
CA TRP A 46 26.02 -5.97 12.39
C TRP A 46 24.94 -6.90 11.83
N THR A 47 23.76 -6.89 12.45
CA THR A 47 22.68 -7.75 11.99
C THR A 47 22.02 -7.32 10.67
N ASN A 48 21.93 -6.01 10.46
CA ASN A 48 21.36 -5.42 9.23
C ASN A 48 22.19 -5.79 7.99
N PHE A 49 23.51 -5.88 8.17
CA PHE A 49 24.46 -5.98 7.04
C PHE A 49 25.28 -7.26 7.18
N SER A 50 24.70 -8.24 7.86
CA SER A 50 25.35 -9.54 8.07
C SER A 50 25.72 -10.25 6.77
N ARG A 51 24.87 -10.16 5.76
CA ARG A 51 25.07 -10.83 4.47
C ARG A 51 26.01 -10.04 3.55
N ASN A 52 26.60 -8.94 4.05
CA ASN A 52 27.34 -8.00 3.21
C ASN A 52 28.72 -7.49 3.69
N ILE A 53 28.86 -7.19 4.98
CA ILE A 53 30.10 -6.61 5.49
C ILE A 53 31.32 -7.44 5.08
N ALA A 54 31.24 -8.75 5.27
CA ALA A 54 32.32 -9.66 4.89
C ALA A 54 32.69 -9.54 3.40
N VAL A 55 31.68 -9.57 2.53
CA VAL A 55 31.91 -9.50 1.09
C VAL A 55 32.51 -8.15 0.69
N LEU A 56 31.91 -7.08 1.19
CA LEU A 56 32.36 -5.73 0.86
C LEU A 56 33.78 -5.49 1.36
N ALA A 57 34.12 -6.12 2.48
CA ALA A 57 35.45 -5.95 3.07
C ALA A 57 36.55 -6.59 2.22
N ARG A 58 36.18 -7.42 1.25
CA ARG A 58 37.16 -7.97 0.32
C ARG A 58 37.53 -6.96 -0.75
N HIS A 59 36.85 -5.81 -0.74
CA HIS A 59 37.09 -4.80 -1.76
C HIS A 59 37.33 -3.39 -1.20
N PHE A 60 36.74 -3.14 -0.04
CA PHE A 60 36.73 -1.81 0.55
C PHE A 60 37.09 -1.80 2.01
N HIS A 61 37.43 -0.62 2.50
CA HIS A 61 37.54 -0.39 3.92
C HIS A 61 36.14 -0.02 4.41
N VAL A 62 35.52 -0.93 5.16
CA VAL A 62 34.12 -0.78 5.53
C VAL A 62 33.93 -0.20 6.91
N LEU A 63 33.07 0.81 7.01
CA LEU A 63 32.70 1.37 8.30
C LEU A 63 31.18 1.35 8.39
N ALA A 64 30.66 0.45 9.22
CA ALA A 64 29.21 0.29 9.38
C ALA A 64 28.83 0.89 10.72
N VAL A 65 28.17 2.04 10.68
CA VAL A 65 27.94 2.85 11.88
C VAL A 65 26.56 2.66 12.47
N ASP A 66 26.49 2.35 13.76
CA ASP A 66 25.22 2.34 14.45
C ASP A 66 24.79 3.78 14.58
N GLN A 67 23.67 4.14 13.97
CA GLN A 67 23.15 5.49 14.11
C GLN A 67 22.69 5.73 15.55
N PRO A 68 22.77 6.98 16.02
CA PRO A 68 22.30 7.26 17.38
C PRO A 68 20.88 6.76 17.58
N GLY A 69 20.62 6.09 18.70
CA GLY A 69 19.32 5.52 18.98
C GLY A 69 19.28 4.03 18.70
N TYR A 70 20.33 3.51 18.07
CA TYR A 70 20.35 2.12 17.60
C TYR A 70 21.64 1.46 18.06
N GLY A 71 21.60 0.14 18.15
CA GLY A 71 22.80 -0.66 18.34
C GLY A 71 23.42 -0.34 19.69
N HIS A 72 24.72 -0.04 19.70
CA HIS A 72 25.40 0.32 20.93
C HIS A 72 25.77 1.79 20.93
N SER A 73 25.24 2.54 19.98
CA SER A 73 25.38 3.98 20.05
C SER A 73 24.43 4.57 21.08
N ASP A 74 24.76 5.75 21.57
CA ASP A 74 23.96 6.46 22.54
C ASP A 74 22.47 6.62 22.17
N LYS A 75 21.62 6.49 23.18
CA LYS A 75 20.17 6.63 23.04
C LYS A 75 19.67 7.79 23.87
N ARG A 76 19.89 9.00 23.39
CA ARG A 76 19.49 10.18 24.12
C ARG A 76 17.97 10.20 24.20
N ALA A 77 17.41 10.81 25.23
CA ALA A 77 15.97 10.89 25.33
C ALA A 77 15.47 12.05 24.46
N GLU A 78 16.41 12.91 24.08
CA GLU A 78 16.13 14.11 23.30
C GLU A 78 16.96 14.19 21.99
N HIS A 79 16.36 14.78 20.96
CA HIS A 79 16.96 14.95 19.63
C HIS A 79 15.99 15.52 18.59
N GLY A 80 16.54 16.28 17.64
CA GLY A 80 15.77 16.95 16.61
C GLY A 80 15.53 16.04 15.44
N GLN A 81 15.24 16.58 14.26
CA GLN A 81 14.97 15.72 13.10
C GLN A 81 16.07 14.69 12.98
N PHE A 82 15.68 13.43 12.85
CA PHE A 82 16.63 12.34 13.05
C PHE A 82 17.75 12.22 12.03
N ASN A 83 17.42 12.33 10.75
CA ASN A 83 18.43 12.17 9.71
C ASN A 83 19.51 13.22 9.84
N ARG A 84 19.10 14.45 10.18
CA ARG A 84 20.05 15.52 10.35
C ARG A 84 20.90 15.26 11.60
N TYR A 85 20.24 14.75 12.64
CA TYR A 85 20.90 14.42 13.89
C TYR A 85 21.97 13.36 13.68
N ALA A 86 21.60 12.30 12.96
CA ALA A 86 22.52 11.20 12.71
C ALA A 86 23.65 11.64 11.76
N ALA A 87 23.31 12.50 10.80
CA ALA A 87 24.27 13.08 9.88
C ALA A 87 25.32 13.96 10.57
N MET A 88 24.89 14.72 11.57
CA MET A 88 25.82 15.53 12.36
C MET A 88 26.78 14.61 13.10
N ALA A 89 26.26 13.49 13.58
CA ALA A 89 27.07 12.53 14.30
C ALA A 89 28.11 11.96 13.34
N LEU A 90 27.66 11.64 12.13
CA LEU A 90 28.51 10.99 11.15
C LEU A 90 29.61 11.95 10.71
N LYS A 91 29.27 13.24 10.70
CA LYS A 91 30.21 14.30 10.33
C LYS A 91 31.33 14.34 11.35
N GLY A 92 30.98 14.18 12.62
CA GLY A 92 31.98 14.15 13.68
C GLY A 92 32.88 12.95 13.53
N LEU A 93 32.32 11.81 13.12
CA LEU A 93 33.14 10.61 12.97
C LEU A 93 34.07 10.82 11.79
N PHE A 94 33.54 11.40 10.71
CA PHE A 94 34.35 11.70 9.52
C PHE A 94 35.56 12.59 9.85
N ASP A 95 35.32 13.62 10.64
CA ASP A 95 36.36 14.59 10.96
C ASP A 95 37.41 13.92 11.83
N GLN A 96 36.92 13.14 12.78
CA GLN A 96 37.80 12.44 13.70
C GLN A 96 38.67 11.43 12.97
N LEU A 97 38.07 10.62 12.10
CA LEU A 97 38.85 9.59 11.41
C LEU A 97 39.70 10.18 10.27
N GLY A 98 39.56 11.49 10.03
CA GLY A 98 40.31 12.12 8.95
C GLY A 98 39.80 11.72 7.58
N LEU A 99 38.51 11.42 7.47
CA LEU A 99 37.99 10.84 6.25
C LEU A 99 37.76 12.01 5.27
N GLY A 100 37.91 11.78 3.97
CA GLY A 100 37.70 12.83 2.96
C GLY A 100 36.32 12.85 2.34
N ARG A 101 36.27 12.35 1.11
CA ARG A 101 35.03 12.21 0.36
C ARG A 101 34.83 10.74 0.23
N VAL A 102 33.73 10.25 0.77
CA VAL A 102 33.56 8.83 0.95
C VAL A 102 32.20 8.46 0.37
N PRO A 103 32.13 7.31 -0.33
CA PRO A 103 30.82 6.85 -0.81
C PRO A 103 29.98 6.34 0.35
N LEU A 104 28.66 6.37 0.20
CA LEU A 104 27.80 6.00 1.31
C LEU A 104 26.80 4.95 0.84
N VAL A 105 26.53 3.98 1.71
CA VAL A 105 25.54 2.95 1.44
C VAL A 105 24.48 3.04 2.53
N GLY A 106 23.22 3.21 2.16
CA GLY A 106 22.20 3.37 3.18
C GLY A 106 20.91 2.67 2.86
N ASN A 107 20.44 1.95 3.87
CA ASN A 107 19.21 1.20 3.80
C ASN A 107 18.16 1.89 4.62
N SER A 108 17.01 2.10 4.01
CA SER A 108 15.83 2.64 4.68
C SER A 108 16.02 3.93 5.50
N LEU A 109 15.91 3.88 6.82
CA LEU A 109 16.23 5.02 7.71
C LEU A 109 17.63 5.60 7.43
N GLY A 110 18.60 4.71 7.31
CA GLY A 110 19.99 5.07 7.09
C GLY A 110 20.24 5.63 5.70
N GLY A 111 19.43 5.23 4.74
CA GLY A 111 19.47 5.84 3.42
C GLY A 111 19.10 7.32 3.52
N GLY A 112 18.09 7.62 4.31
CA GLY A 112 17.72 9.00 4.55
C GLY A 112 18.86 9.75 5.22
N THR A 113 19.56 9.08 6.13
CA THR A 113 20.68 9.69 6.83
C THR A 113 21.79 9.97 5.82
N ALA A 114 22.04 9.01 4.95
CA ALA A 114 23.05 9.15 3.90
C ALA A 114 22.78 10.38 3.02
N VAL A 115 21.53 10.55 2.61
CA VAL A 115 21.14 11.68 1.77
C VAL A 115 21.27 13.01 2.52
N ARG A 116 20.77 13.05 3.76
CA ARG A 116 20.81 14.26 4.56
C ARG A 116 22.27 14.68 4.70
N PHE A 117 23.14 13.68 4.88
CA PHE A 117 24.57 13.91 5.02
C PHE A 117 25.16 14.47 3.74
N ALA A 118 24.77 13.87 2.62
CA ALA A 118 25.28 14.28 1.31
C ALA A 118 24.80 15.69 0.94
N LEU A 119 23.62 16.06 1.41
CA LEU A 119 23.10 17.41 1.18
C LEU A 119 23.75 18.47 2.09
N ASP A 120 23.95 18.13 3.37
CA ASP A 120 24.45 19.09 4.36
C ASP A 120 25.96 19.31 4.23
N TYR A 121 26.67 18.26 3.86
CA TYR A 121 28.13 18.29 3.79
C TYR A 121 28.58 17.80 2.41
N PRO A 122 28.26 18.59 1.36
CA PRO A 122 28.28 18.03 0.01
C PRO A 122 29.66 17.59 -0.45
N ALA A 123 30.68 18.29 0.01
CA ALA A 123 32.05 17.96 -0.33
C ALA A 123 32.51 16.65 0.32
N ARG A 124 31.77 16.13 1.30
CA ARG A 124 32.22 14.96 2.04
C ARG A 124 31.62 13.64 1.56
N ALA A 125 30.62 13.70 0.69
CA ALA A 125 29.89 12.49 0.29
C ALA A 125 30.20 12.19 -1.17
N GLY A 126 30.62 10.96 -1.43
CA GLY A 126 30.84 10.46 -2.78
C GLY A 126 29.61 9.78 -3.34
N ARG A 127 29.83 8.69 -4.09
CA ARG A 127 28.71 7.99 -4.70
C ARG A 127 27.79 7.49 -3.59
N LEU A 128 26.49 7.41 -3.89
CA LEU A 128 25.52 6.92 -2.91
C LEU A 128 24.88 5.67 -3.46
N VAL A 129 24.70 4.69 -2.58
CA VAL A 129 23.87 3.54 -2.89
C VAL A 129 22.75 3.56 -1.86
N LEU A 130 21.51 3.57 -2.31
CA LEU A 130 20.37 3.81 -1.41
C LEU A 130 19.32 2.73 -1.62
N MET A 131 19.03 1.97 -0.58
CA MET A 131 18.07 0.87 -0.68
C MET A 131 16.79 1.18 0.07
N GLY A 132 15.67 1.16 -0.65
CA GLY A 132 14.39 1.58 -0.10
C GLY A 132 14.52 2.77 0.84
N PRO A 133 15.26 3.82 0.42
CA PRO A 133 15.60 4.92 1.33
C PRO A 133 14.38 5.73 1.79
N GLY A 134 14.41 6.16 3.05
CA GLY A 134 13.47 7.15 3.52
C GLY A 134 13.98 8.51 3.11
N GLY A 135 13.22 9.56 3.38
CA GLY A 135 13.74 10.89 3.24
C GLY A 135 13.53 11.40 1.84
N LEU A 136 14.28 10.83 0.90
CA LEU A 136 14.16 11.24 -0.50
C LEU A 136 12.91 10.62 -1.13
N SER A 137 12.35 9.60 -0.50
CA SER A 137 11.19 8.93 -1.07
C SER A 137 9.93 9.72 -0.73
N ILE A 138 8.97 9.75 -1.65
CA ILE A 138 7.65 10.30 -1.37
C ILE A 138 6.63 9.49 -2.16
N ASN A 139 5.70 8.89 -1.44
CA ASN A 139 4.86 7.84 -1.99
C ASN A 139 3.72 8.46 -2.80
N LEU A 140 3.91 8.60 -4.10
CA LEU A 140 2.93 9.35 -4.89
C LEU A 140 1.57 8.67 -5.02
N PHE A 141 1.55 7.34 -4.90
CA PHE A 141 0.28 6.62 -4.98
C PHE A 141 -0.14 6.04 -3.63
N ALA A 142 0.81 5.52 -2.85
CA ALA A 142 0.44 4.82 -1.62
C ALA A 142 -0.01 5.83 -0.57
N PRO A 143 -1.22 5.65 0.00
CA PRO A 143 -1.67 6.51 1.11
C PRO A 143 -0.74 6.40 2.31
N ASP A 144 -0.35 7.54 2.90
CA ASP A 144 0.44 7.51 4.14
C ASP A 144 -0.45 7.67 5.37
N PRO A 145 -0.10 6.98 6.48
CA PRO A 145 1.04 6.07 6.61
C PRO A 145 0.83 4.74 5.88
N THR A 146 1.91 4.20 5.33
CA THR A 146 1.90 2.88 4.73
C THR A 146 1.71 1.79 5.76
N GLU A 147 1.49 0.57 5.27
CA GLU A 147 1.31 -0.58 6.15
C GLU A 147 2.51 -0.76 7.06
N GLY A 148 3.69 -0.64 6.49
CA GLY A 148 4.93 -0.81 7.22
C GLY A 148 5.06 0.21 8.33
N VAL A 149 4.79 1.47 8.00
CA VAL A 149 4.88 2.54 8.98
C VAL A 149 3.83 2.38 10.08
N LYS A 150 2.64 1.89 9.74
CA LYS A 150 1.59 1.74 10.75
C LYS A 150 1.96 0.67 11.77
N ARG A 151 2.52 -0.44 11.30
CA ARG A 151 2.88 -1.52 12.21
C ARG A 151 4.05 -1.12 13.10
N LEU A 152 4.98 -0.32 12.57
CA LEU A 152 6.05 0.22 13.41
C LEU A 152 5.51 1.11 14.51
N SER A 153 4.57 1.97 14.17
CA SER A 153 3.93 2.84 15.15
C SER A 153 3.21 2.02 16.20
N LYS A 154 2.50 0.98 15.76
CA LYS A 154 1.71 0.18 16.67
C LYS A 154 2.63 -0.53 17.66
N PHE A 155 3.79 -0.99 17.18
CA PHE A 155 4.81 -1.51 18.09
C PHE A 155 5.29 -0.45 19.09
N SER A 156 5.45 0.77 18.60
CA SER A 156 6.02 1.85 19.40
C SER A 156 5.07 2.17 20.55
N VAL A 157 3.78 2.15 20.27
CA VAL A 157 2.76 2.40 21.29
C VAL A 157 2.62 1.21 22.24
N ALA A 158 2.73 0.01 21.69
CA ALA A 158 2.49 -1.23 22.43
C ALA A 158 3.57 -2.25 22.06
N PRO A 159 4.72 -2.21 22.75
CA PRO A 159 5.92 -2.94 22.32
C PRO A 159 5.88 -4.42 22.72
N THR A 160 5.03 -5.17 22.02
CA THR A 160 4.81 -6.58 22.32
C THR A 160 5.53 -7.43 21.29
N ARG A 161 5.73 -8.70 21.62
CA ARG A 161 6.35 -9.63 20.68
C ARG A 161 5.52 -9.78 19.42
N GLU A 162 4.21 -9.89 19.60
CA GLU A 162 3.29 -10.01 18.48
C GLU A 162 3.33 -8.82 17.54
N ASN A 163 3.48 -7.62 18.09
CA ASN A 163 3.50 -6.43 17.26
C ASN A 163 4.80 -6.34 16.50
N LEU A 164 5.87 -6.88 17.08
CA LEU A 164 7.16 -6.83 16.40
C LEU A 164 7.24 -7.83 15.27
N GLU A 165 6.68 -9.03 15.46
CA GLU A 165 6.67 -10.01 14.39
C GLU A 165 5.81 -9.51 13.24
N ALA A 166 4.70 -8.87 13.56
CA ALA A 166 3.79 -8.36 12.55
C ALA A 166 4.51 -7.32 11.71
N PHE A 167 5.30 -6.49 12.36
CA PHE A 167 6.06 -5.46 11.64
C PHE A 167 7.11 -6.10 10.74
N LEU A 168 7.83 -7.06 11.29
CA LEU A 168 8.93 -7.69 10.57
C LEU A 168 8.42 -8.40 9.33
N ARG A 169 7.25 -9.01 9.41
CA ARG A 169 6.71 -9.73 8.27
C ARG A 169 6.36 -8.84 7.07
N VAL A 170 6.02 -7.56 7.28
CA VAL A 170 5.82 -6.68 6.12
C VAL A 170 7.10 -5.96 5.71
N MET A 171 8.22 -6.32 6.33
CA MET A 171 9.54 -5.84 5.90
C MET A 171 10.16 -6.65 4.76
N VAL A 172 9.68 -7.86 4.55
CA VAL A 172 10.34 -8.79 3.64
C VAL A 172 9.31 -9.41 2.72
N TYR A 173 9.76 -9.83 1.55
CA TYR A 173 8.91 -10.54 0.61
C TYR A 173 8.71 -11.97 1.08
N ASP A 174 9.82 -12.62 1.45
CA ASP A 174 9.84 -14.01 1.88
C ASP A 174 9.70 -14.13 3.38
N LYS A 175 8.48 -14.36 3.85
CA LYS A 175 8.20 -14.32 5.28
C LYS A 175 8.86 -15.45 6.07
N ASN A 176 9.40 -16.46 5.37
CA ASN A 176 10.19 -17.48 6.06
C ASN A 176 11.48 -16.93 6.66
N LEU A 177 11.90 -15.74 6.23
CA LEU A 177 13.06 -15.09 6.83
C LEU A 177 12.78 -14.67 8.27
N ILE A 178 11.49 -14.51 8.59
CA ILE A 178 11.10 -13.98 9.89
C ILE A 178 10.97 -15.16 10.83
N THR A 179 12.08 -15.61 11.38
CA THR A 179 12.04 -16.79 12.23
C THR A 179 11.79 -16.44 13.70
N PRO A 180 11.55 -17.45 14.53
CA PRO A 180 11.33 -17.22 15.96
C PRO A 180 12.54 -16.60 16.65
N GLU A 181 13.73 -17.06 16.24
CA GLU A 181 14.99 -16.53 16.74
C GLU A 181 15.22 -15.07 16.37
N LEU A 182 14.92 -14.73 15.12
CA LEU A 182 15.05 -13.34 14.68
C LEU A 182 14.13 -12.45 15.51
N VAL A 183 12.88 -12.89 15.67
CA VAL A 183 11.88 -12.10 16.42
C VAL A 183 12.33 -11.93 17.87
N ASP A 184 12.79 -13.02 18.47
CA ASP A 184 13.23 -13.02 19.87
C ASP A 184 14.44 -12.12 20.09
N GLN A 185 15.43 -12.23 19.21
CA GLN A 185 16.63 -11.43 19.32
C GLN A 185 16.27 -9.95 19.17
N ARG A 186 15.49 -9.63 18.14
CA ARG A 186 15.13 -8.24 17.91
C ARG A 186 14.30 -7.67 19.05
N PHE A 187 13.39 -8.49 19.58
CA PHE A 187 12.55 -8.07 20.68
C PHE A 187 13.35 -7.81 21.94
N ALA A 188 14.37 -8.63 22.18
CA ALA A 188 15.22 -8.45 23.34
C ALA A 188 15.97 -7.12 23.28
N LEU A 189 16.49 -6.76 22.11
CA LEU A 189 17.17 -5.47 21.99
C LEU A 189 16.19 -4.29 22.03
N ALA A 190 15.08 -4.40 21.32
CA ALA A 190 14.11 -3.31 21.22
C ALA A 190 13.36 -3.02 22.52
N SER A 191 13.26 -4.03 23.38
CA SER A 191 12.46 -3.95 24.60
C SER A 191 13.19 -3.32 25.79
N THR A 192 14.49 -3.11 25.68
CA THR A 192 15.26 -2.54 26.79
C THR A 192 14.74 -1.14 27.06
N PRO A 193 14.82 -0.68 28.32
CA PRO A 193 14.46 0.72 28.61
C PRO A 193 15.20 1.74 27.75
N GLU A 194 16.47 1.54 27.45
CA GLU A 194 17.22 2.55 26.71
C GLU A 194 16.61 2.69 25.31
N SER A 195 16.32 1.55 24.69
CA SER A 195 15.71 1.53 23.36
C SER A 195 14.30 2.08 23.35
N LEU A 196 13.56 1.81 24.41
CA LEU A 196 12.26 2.44 24.60
C LEU A 196 12.43 3.95 24.75
N THR A 197 13.48 4.38 25.45
CA THR A 197 13.76 5.81 25.56
C THR A 197 13.97 6.39 24.16
N ALA A 198 14.73 5.67 23.35
CA ALA A 198 15.10 6.17 22.04
C ALA A 198 13.89 6.25 21.10
N THR A 199 13.03 5.24 21.18
CA THR A 199 11.71 5.30 20.58
C THR A 199 10.88 6.52 21.00
N ARG A 200 10.82 6.84 22.29
CA ARG A 200 10.14 8.07 22.71
C ARG A 200 10.76 9.31 22.07
N ALA A 201 12.08 9.34 21.99
CA ALA A 201 12.77 10.50 21.48
C ALA A 201 12.44 10.62 19.99
N MET A 202 12.44 9.48 19.32
CA MET A 202 12.13 9.47 17.90
C MET A 202 10.71 9.98 17.67
N GLY A 203 9.79 9.56 18.54
CA GLY A 203 8.41 10.05 18.43
C GLY A 203 8.27 11.54 18.62
N LYS A 204 8.82 12.10 19.69
CA LYS A 204 8.72 13.54 19.88
C LYS A 204 9.38 14.36 18.76
N SER A 205 10.42 13.82 18.14
CA SER A 205 11.18 14.62 17.19
C SER A 205 10.36 14.90 15.94
N PHE A 206 9.35 14.06 15.69
CA PHE A 206 8.45 14.25 14.58
C PHE A 206 7.67 15.55 14.69
N ALA A 207 7.43 16.01 15.91
CA ALA A 207 6.61 17.20 16.12
C ALA A 207 7.43 18.47 15.94
N GLY A 208 8.69 18.32 15.54
CA GLY A 208 9.62 19.43 15.62
C GLY A 208 9.41 20.38 14.45
N ALA A 209 9.85 21.62 14.63
CA ALA A 209 9.72 22.65 13.60
C ALA A 209 10.72 22.45 12.45
N ASP A 210 11.69 21.56 12.66
CA ASP A 210 12.68 21.22 11.63
C ASP A 210 12.26 20.05 10.75
N PHE A 211 10.96 19.79 10.66
CA PHE A 211 10.45 18.66 9.89
C PHE A 211 10.87 18.68 8.42
N GLU A 212 11.09 19.87 7.88
CA GLU A 212 11.41 20.00 6.45
C GLU A 212 12.74 19.34 6.10
N ALA A 213 13.62 19.19 7.09
CA ALA A 213 14.86 18.46 6.91
C ALA A 213 14.67 16.99 6.52
N GLY A 214 13.50 16.42 6.83
CA GLY A 214 13.18 15.06 6.43
C GLY A 214 12.61 14.93 5.03
N MET A 215 12.28 16.06 4.40
CA MET A 215 11.56 16.06 3.14
C MET A 215 12.55 16.19 1.98
N MET A 216 13.47 15.24 1.88
CA MET A 216 14.65 15.38 1.03
C MET A 216 14.34 15.21 -0.46
N TRP A 217 13.16 14.72 -0.78
CA TRP A 217 12.73 14.68 -2.19
C TRP A 217 12.66 16.09 -2.76
N ARG A 218 12.58 17.08 -1.89
CA ARG A 218 12.58 18.48 -2.29
C ARG A 218 13.96 19.01 -2.69
N GLU A 219 15.00 18.24 -2.41
CA GLU A 219 16.36 18.78 -2.41
C GLU A 219 17.36 17.98 -3.25
N VAL A 220 17.03 16.73 -3.55
CA VAL A 220 18.00 15.84 -4.18
C VAL A 220 18.32 16.23 -5.62
N TYR A 221 17.54 17.13 -6.21
CA TYR A 221 17.94 17.66 -7.51
C TYR A 221 19.32 18.33 -7.45
N ARG A 222 19.78 18.66 -6.24
CA ARG A 222 21.10 19.26 -6.03
C ARG A 222 22.27 18.25 -5.99
N LEU A 223 21.96 16.97 -5.87
CA LEU A 223 23.02 15.95 -5.75
C LEU A 223 23.75 15.81 -7.08
N ARG A 224 25.08 15.96 -7.02
CA ARG A 224 25.92 15.95 -8.22
C ARG A 224 26.60 14.62 -8.50
N GLN A 225 26.63 13.74 -7.51
CA GLN A 225 27.32 12.45 -7.65
C GLN A 225 26.42 11.41 -8.28
N PRO A 226 27.03 10.34 -8.80
CA PRO A 226 26.20 9.21 -9.23
C PRO A 226 25.45 8.66 -8.02
N VAL A 227 24.22 8.23 -8.21
CA VAL A 227 23.41 7.69 -7.12
C VAL A 227 22.73 6.44 -7.63
N LEU A 228 22.96 5.32 -6.95
CA LEU A 228 22.24 4.10 -7.28
C LEU A 228 21.10 3.83 -6.31
N LEU A 229 19.88 4.01 -6.80
CA LEU A 229 18.68 3.69 -6.06
C LEU A 229 18.34 2.21 -6.23
N ILE A 230 18.11 1.50 -5.12
CA ILE A 230 17.77 0.09 -5.20
C ILE A 230 16.45 -0.14 -4.46
N TRP A 231 15.52 -0.85 -5.08
CA TRP A 231 14.20 -1.04 -4.47
C TRP A 231 13.72 -2.47 -4.60
N GLY A 232 13.06 -2.96 -3.55
CA GLY A 232 12.30 -4.17 -3.64
C GLY A 232 10.95 -3.80 -4.21
N ARG A 233 10.52 -4.51 -5.25
CA ARG A 233 9.23 -4.26 -5.88
C ARG A 233 8.12 -4.34 -4.85
N GLU A 234 8.26 -5.26 -3.90
CA GLU A 234 7.21 -5.54 -2.92
C GLU A 234 7.49 -4.84 -1.58
N ASP A 235 8.26 -3.76 -1.61
CA ASP A 235 8.54 -3.00 -0.38
C ASP A 235 7.22 -2.42 0.15
N ARG A 236 6.85 -2.80 1.37
CA ARG A 236 5.59 -2.35 1.96
C ARG A 236 5.79 -1.26 3.03
N VAL A 237 7.03 -0.80 3.19
CA VAL A 237 7.37 0.22 4.18
C VAL A 237 7.51 1.53 3.42
N ASN A 238 8.38 1.49 2.42
CA ASN A 238 8.66 2.58 1.51
C ASN A 238 8.42 2.07 0.10
N PRO A 239 7.17 2.15 -0.39
CA PRO A 239 6.84 1.44 -1.62
C PRO A 239 7.46 2.06 -2.86
N LEU A 240 7.40 1.29 -3.94
CA LEU A 240 8.18 1.59 -5.13
C LEU A 240 7.85 2.95 -5.76
N ASP A 241 6.60 3.39 -5.63
CA ASP A 241 6.21 4.70 -6.17
C ASP A 241 7.00 5.83 -5.52
N GLY A 242 7.62 5.55 -4.38
CA GLY A 242 8.40 6.56 -3.68
C GLY A 242 9.74 6.84 -4.35
N ALA A 243 10.11 6.02 -5.32
CA ALA A 243 11.42 6.17 -5.98
C ALA A 243 11.40 7.24 -7.07
N LEU A 244 10.21 7.59 -7.54
CA LEU A 244 10.06 8.31 -8.81
C LEU A 244 10.62 9.74 -8.81
N VAL A 245 10.34 10.55 -7.79
CA VAL A 245 10.84 11.93 -7.78
C VAL A 245 12.37 11.95 -7.77
N ALA A 246 12.97 11.08 -6.95
CA ALA A 246 14.42 10.98 -6.88
C ALA A 246 15.02 10.50 -8.21
N LEU A 247 14.39 9.53 -8.84
CA LEU A 247 14.92 9.04 -10.10
C LEU A 247 14.90 10.17 -11.14
N LYS A 248 13.81 10.94 -11.13
CA LYS A 248 13.63 12.02 -12.09
C LYS A 248 14.62 13.18 -11.86
N THR A 249 14.85 13.56 -10.61
CA THR A 249 15.49 14.85 -10.34
C THR A 249 16.98 14.78 -10.05
N ILE A 250 17.48 13.60 -9.68
CA ILE A 250 18.93 13.43 -9.47
C ILE A 250 19.57 13.21 -10.84
N PRO A 251 20.46 14.13 -11.27
CA PRO A 251 20.94 14.02 -12.66
C PRO A 251 21.63 12.70 -13.00
N ARG A 252 22.49 12.18 -12.13
CA ARG A 252 23.21 10.94 -12.44
C ARG A 252 22.62 9.72 -11.69
N ALA A 253 21.31 9.71 -11.50
CA ALA A 253 20.64 8.57 -10.86
C ALA A 253 20.66 7.30 -11.71
N GLN A 254 20.63 6.16 -11.03
CA GLN A 254 20.19 4.92 -11.63
C GLN A 254 19.18 4.32 -10.67
N LEU A 255 18.31 3.44 -11.17
CA LEU A 255 17.39 2.72 -10.31
C LEU A 255 17.48 1.25 -10.65
N HIS A 256 17.57 0.40 -9.64
CA HIS A 256 17.43 -1.03 -9.86
C HIS A 256 16.29 -1.52 -8.98
N VAL A 257 15.38 -2.28 -9.56
CA VAL A 257 14.24 -2.83 -8.83
C VAL A 257 14.29 -4.34 -8.87
N PHE A 258 14.17 -4.98 -7.71
CA PHE A 258 14.20 -6.44 -7.65
C PHE A 258 12.78 -6.94 -7.46
N GLY A 259 12.32 -7.82 -8.36
CA GLY A 259 11.05 -8.48 -8.13
C GLY A 259 11.24 -9.49 -7.03
N GLN A 260 10.19 -9.73 -6.26
CA GLN A 260 10.21 -10.69 -5.16
C GLN A 260 11.21 -10.23 -4.09
N CYS A 261 11.09 -8.97 -3.70
CA CYS A 261 11.98 -8.35 -2.72
C CYS A 261 11.26 -7.24 -1.98
N GLY A 262 11.41 -7.24 -0.65
CA GLY A 262 10.82 -6.23 0.20
C GLY A 262 11.74 -5.07 0.55
N HIS A 263 11.47 -4.51 1.74
CA HIS A 263 12.18 -3.35 2.25
C HIS A 263 13.65 -3.66 2.60
N TRP A 264 13.91 -4.91 3.01
CA TRP A 264 15.25 -5.33 3.42
C TRP A 264 16.11 -5.82 2.24
N VAL A 265 16.43 -4.95 1.28
CA VAL A 265 17.13 -5.41 0.07
C VAL A 265 18.44 -6.17 0.31
N GLN A 266 19.25 -5.72 1.26
CA GLN A 266 20.63 -6.22 1.35
C GLN A 266 20.69 -7.64 1.94
N VAL A 267 19.58 -8.07 2.52
CA VAL A 267 19.38 -9.42 3.03
C VAL A 267 18.64 -10.29 2.04
N GLU A 268 17.55 -9.76 1.51
CA GLU A 268 16.68 -10.54 0.66
C GLU A 268 17.25 -10.74 -0.73
N LYS A 269 18.10 -9.82 -1.17
CA LYS A 269 18.77 -9.93 -2.47
C LYS A 269 20.25 -9.74 -2.26
N PHE A 270 20.78 -10.41 -1.24
CA PHE A 270 22.13 -10.14 -0.80
C PHE A 270 23.22 -10.37 -1.84
N ASP A 271 23.17 -11.46 -2.60
CA ASP A 271 24.20 -11.67 -3.61
C ASP A 271 24.16 -10.62 -4.73
N GLU A 272 22.97 -10.33 -5.24
CA GLU A 272 22.79 -9.35 -6.30
C GLU A 272 23.14 -7.94 -5.82
N PHE A 273 22.70 -7.63 -4.61
CA PHE A 273 22.97 -6.32 -4.03
C PHE A 273 24.49 -6.10 -3.91
N ASN A 274 25.20 -7.13 -3.43
CA ASN A 274 26.64 -7.01 -3.21
C ASN A 274 27.39 -6.74 -4.52
N LYS A 275 27.03 -7.43 -5.61
CA LYS A 275 27.73 -7.24 -6.90
C LYS A 275 27.43 -5.85 -7.45
N LEU A 276 26.18 -5.42 -7.34
CA LEU A 276 25.85 -4.04 -7.76
C LEU A 276 26.57 -2.99 -7.00
N THR A 277 26.70 -3.18 -5.71
CA THR A 277 27.34 -2.17 -4.91
C THR A 277 28.83 -2.13 -5.25
N ILE A 278 29.43 -3.30 -5.39
CA ILE A 278 30.88 -3.40 -5.58
C ILE A 278 31.25 -2.79 -6.93
N GLU A 279 30.47 -3.13 -7.94
CA GLU A 279 30.72 -2.63 -9.27
C GLU A 279 30.50 -1.11 -9.30
N PHE A 280 29.40 -0.68 -8.69
CA PHE A 280 29.05 0.74 -8.73
C PHE A 280 30.06 1.63 -8.00
N LEU A 281 30.61 1.12 -6.90
CA LEU A 281 31.60 1.86 -6.12
C LEU A 281 33.05 1.64 -6.57
N GLY A 282 33.24 0.87 -7.64
CA GLY A 282 34.53 0.79 -8.31
C GLY A 282 35.13 -0.60 -8.17
N THR B 2 -38.50 3.50 -0.16
CA THR B 2 -38.20 2.80 1.07
C THR B 2 -37.54 1.48 0.66
N PHE B 3 -36.93 0.75 1.60
CA PHE B 3 -36.36 -0.53 1.24
C PHE B 3 -37.46 -1.41 0.60
N GLU B 4 -38.62 -1.44 1.24
CA GLU B 4 -39.72 -2.32 0.83
C GLU B 4 -40.40 -1.91 -0.47
N SER B 5 -40.57 -0.61 -0.66
CA SER B 5 -41.29 -0.10 -1.82
C SER B 5 -40.49 -0.30 -3.08
N THR B 6 -39.17 -0.25 -2.97
CA THR B 6 -38.33 -0.37 -4.14
C THR B 6 -37.94 -1.81 -4.37
N SER B 7 -38.15 -2.66 -3.36
CA SER B 7 -37.71 -4.05 -3.43
C SER B 7 -38.40 -4.83 -4.54
N ARG B 8 -37.62 -5.63 -5.27
CA ARG B 8 -38.13 -6.45 -6.35
C ARG B 8 -37.33 -7.75 -6.39
N PHE B 9 -37.93 -8.81 -6.94
CA PHE B 9 -37.19 -10.04 -7.15
C PHE B 9 -37.39 -10.49 -8.58
N ALA B 10 -36.42 -11.21 -9.12
CA ALA B 10 -36.54 -11.77 -10.44
C ALA B 10 -35.78 -13.09 -10.37
N GLU B 11 -36.21 -14.09 -11.12
CA GLU B 11 -35.45 -15.34 -11.20
C GLU B 11 -34.96 -15.56 -12.63
N VAL B 12 -33.66 -15.78 -12.78
CA VAL B 12 -33.01 -15.98 -14.08
C VAL B 12 -32.24 -17.29 -14.13
N ASP B 13 -31.72 -17.62 -15.31
CA ASP B 13 -30.95 -18.85 -15.50
C ASP B 13 -29.48 -18.62 -15.72
N VAL B 14 -28.70 -19.09 -14.74
CA VAL B 14 -27.26 -19.14 -14.82
C VAL B 14 -26.92 -20.55 -14.38
N ASP B 15 -26.80 -21.48 -15.33
CA ASP B 15 -26.60 -22.88 -15.00
C ASP B 15 -27.69 -23.33 -14.02
N GLY B 16 -28.93 -22.91 -14.26
CA GLY B 16 -30.02 -23.21 -13.34
C GLY B 16 -30.55 -21.95 -12.67
N PRO B 17 -31.71 -22.06 -12.00
CA PRO B 17 -32.37 -20.92 -11.38
C PRO B 17 -31.47 -20.13 -10.43
N LEU B 18 -31.53 -18.80 -10.56
CA LEU B 18 -30.77 -17.91 -9.69
C LEU B 18 -31.72 -16.79 -9.34
N LYS B 19 -32.01 -16.61 -8.07
CA LYS B 19 -32.95 -15.57 -7.68
C LYS B 19 -32.15 -14.30 -7.44
N LEU B 20 -32.59 -13.18 -8.03
CA LEU B 20 -31.91 -11.90 -7.86
C LEU B 20 -32.83 -10.90 -7.17
N HIS B 21 -32.29 -10.20 -6.18
CA HIS B 21 -33.01 -9.10 -5.55
C HIS B 21 -32.47 -7.77 -6.04
N TYR B 22 -33.36 -6.79 -6.18
CA TYR B 22 -32.96 -5.46 -6.61
C TYR B 22 -33.95 -4.42 -6.11
N HIS B 23 -33.56 -3.15 -6.24
CA HIS B 23 -34.43 -2.04 -5.89
C HIS B 23 -34.73 -1.22 -7.13
N GLU B 24 -35.98 -0.81 -7.28
CA GLU B 24 -36.44 -0.05 -8.44
C GLU B 24 -37.04 1.27 -8.05
N ALA B 25 -36.61 2.33 -8.72
CA ALA B 25 -37.14 3.64 -8.44
C ALA B 25 -37.10 4.55 -9.65
N GLY B 26 -37.82 5.65 -9.51
CA GLY B 26 -37.99 6.67 -10.53
C GLY B 26 -38.69 6.22 -11.78
N VAL B 27 -39.56 5.21 -11.69
CA VAL B 27 -40.18 4.64 -12.89
C VAL B 27 -40.78 5.80 -13.72
N GLY B 28 -40.75 5.68 -15.03
CA GLY B 28 -41.33 6.67 -15.93
C GLY B 28 -40.29 7.59 -16.54
N ASN B 29 -39.06 7.51 -16.06
CA ASN B 29 -38.04 8.49 -16.44
C ASN B 29 -37.51 7.93 -17.74
N ASP B 30 -36.89 8.75 -18.57
CA ASP B 30 -36.65 8.29 -19.93
C ASP B 30 -35.51 7.24 -20.02
N GLN B 31 -34.47 7.46 -19.23
CA GLN B 31 -33.21 6.69 -19.30
C GLN B 31 -33.02 5.81 -18.04
N THR B 32 -32.91 4.50 -18.26
CA THR B 32 -32.66 3.53 -17.19
C THR B 32 -31.17 3.47 -16.84
N VAL B 33 -30.87 3.31 -15.55
CA VAL B 33 -29.50 3.16 -15.07
C VAL B 33 -29.44 2.06 -14.04
N VAL B 34 -28.43 1.19 -14.16
CA VAL B 34 -28.22 0.07 -13.26
C VAL B 34 -27.08 0.36 -12.29
N LEU B 35 -27.30 0.12 -11.01
CA LEU B 35 -26.29 0.38 -9.99
C LEU B 35 -25.78 -0.95 -9.44
N LEU B 36 -24.47 -1.05 -9.28
CA LEU B 36 -23.82 -2.27 -8.80
C LEU B 36 -22.92 -1.95 -7.61
N HIS B 37 -23.29 -2.45 -6.45
CA HIS B 37 -22.68 -2.08 -5.18
C HIS B 37 -21.25 -2.64 -5.01
N GLY B 38 -20.53 -2.13 -4.02
CA GLY B 38 -19.21 -2.65 -3.70
C GLY B 38 -19.27 -3.98 -2.99
N GLY B 39 -18.12 -4.61 -2.81
CA GLY B 39 -18.08 -5.86 -2.07
C GLY B 39 -17.88 -5.55 -0.60
N GLY B 40 -17.36 -6.53 0.12
CA GLY B 40 -17.12 -6.40 1.54
C GLY B 40 -18.26 -7.07 2.29
N PRO B 41 -18.02 -7.52 3.53
CA PRO B 41 -19.06 -8.32 4.21
C PRO B 41 -20.30 -7.50 4.56
N GLY B 42 -21.47 -8.07 4.31
CA GLY B 42 -22.74 -7.48 4.68
C GLY B 42 -23.19 -6.40 3.71
N ALA B 43 -22.46 -6.24 2.62
CA ALA B 43 -22.78 -5.23 1.60
C ALA B 43 -24.02 -5.62 0.81
N ALA B 44 -24.81 -4.63 0.40
CA ALA B 44 -25.95 -4.86 -0.47
C ALA B 44 -26.31 -3.55 -1.17
N SER B 45 -27.27 -3.58 -2.09
CA SER B 45 -27.59 -2.41 -2.90
C SER B 45 -28.05 -1.24 -2.04
N TRP B 46 -29.07 -1.44 -1.20
CA TRP B 46 -29.67 -0.32 -0.46
C TRP B 46 -28.73 0.43 0.48
N THR B 47 -27.98 -0.29 1.30
CA THR B 47 -27.10 0.34 2.27
C THR B 47 -25.80 0.93 1.67
N ASN B 48 -25.37 0.35 0.55
CA ASN B 48 -24.18 0.78 -0.20
C ASN B 48 -24.40 2.14 -0.90
N PHE B 49 -25.65 2.37 -1.29
CA PHE B 49 -26.07 3.44 -2.20
C PHE B 49 -27.15 4.23 -1.48
N SER B 50 -27.07 4.26 -0.15
CA SER B 50 -28.05 4.98 0.66
C SER B 50 -28.10 6.47 0.38
N ARG B 51 -26.94 7.10 0.18
CA ARG B 51 -26.85 8.53 -0.07
C ARG B 51 -27.12 8.90 -1.54
N ASN B 52 -27.50 7.92 -2.37
CA ASN B 52 -27.56 8.12 -3.82
C ASN B 52 -28.84 7.71 -4.55
N ILE B 53 -29.50 6.62 -4.17
CA ILE B 53 -30.65 6.13 -4.92
C ILE B 53 -31.75 7.20 -5.07
N ALA B 54 -32.08 7.88 -3.98
CA ALA B 54 -33.14 8.89 -3.96
C ALA B 54 -32.83 10.05 -4.91
N VAL B 55 -31.58 10.49 -4.90
CA VAL B 55 -31.17 11.63 -5.71
C VAL B 55 -31.17 11.24 -7.18
N LEU B 56 -30.59 10.08 -7.48
CA LEU B 56 -30.53 9.61 -8.86
C LEU B 56 -31.92 9.34 -9.46
N ALA B 57 -32.87 8.91 -8.63
CA ALA B 57 -34.20 8.55 -9.11
C ALA B 57 -35.05 9.74 -9.57
N ARG B 58 -34.60 10.95 -9.26
CA ARG B 58 -35.24 12.17 -9.76
C ARG B 58 -34.82 12.49 -11.18
N HIS B 59 -33.91 11.69 -11.74
CA HIS B 59 -33.42 11.95 -13.09
C HIS B 59 -33.50 10.71 -13.99
N PHE B 60 -33.33 9.54 -13.37
CA PHE B 60 -33.26 8.26 -14.08
C PHE B 60 -34.22 7.22 -13.55
N HIS B 61 -34.38 6.14 -14.32
CA HIS B 61 -35.07 4.97 -13.82
C HIS B 61 -33.96 4.10 -13.25
N VAL B 62 -33.93 3.98 -11.93
CA VAL B 62 -32.83 3.32 -11.24
C VAL B 62 -33.10 1.86 -10.92
N LEU B 63 -32.15 0.99 -11.28
CA LEU B 63 -32.23 -0.40 -10.89
C LEU B 63 -30.97 -0.77 -10.11
N ALA B 64 -31.10 -0.98 -8.81
CA ALA B 64 -29.95 -1.29 -7.98
C ALA B 64 -30.00 -2.77 -7.61
N VAL B 65 -29.04 -3.54 -8.11
CA VAL B 65 -29.14 -4.99 -8.12
C VAL B 65 -28.20 -5.59 -7.08
N ASP B 66 -28.75 -6.46 -6.23
CA ASP B 66 -27.90 -7.21 -5.32
C ASP B 66 -27.18 -8.25 -6.15
N GLN B 67 -25.86 -8.20 -6.17
CA GLN B 67 -25.10 -9.18 -6.94
C GLN B 67 -25.20 -10.52 -6.22
N PRO B 68 -25.17 -11.63 -6.97
CA PRO B 68 -25.23 -12.95 -6.32
C PRO B 68 -24.20 -13.05 -5.20
N GLY B 69 -24.58 -13.62 -4.06
CA GLY B 69 -23.69 -13.67 -2.92
C GLY B 69 -23.90 -12.55 -1.93
N TYR B 70 -24.76 -11.60 -2.27
CA TYR B 70 -24.92 -10.40 -1.45
C TYR B 70 -26.40 -10.11 -1.26
N GLY B 71 -26.73 -9.35 -0.22
CA GLY B 71 -28.09 -8.88 -0.01
C GLY B 71 -29.07 -10.04 0.07
N HIS B 72 -30.17 -9.93 -0.68
CA HIS B 72 -31.19 -10.97 -0.72
C HIS B 72 -31.14 -11.82 -1.99
N SER B 73 -30.04 -11.72 -2.75
CA SER B 73 -29.87 -12.56 -3.93
C SER B 73 -29.34 -13.93 -3.51
N ASP B 74 -29.50 -14.94 -4.36
CA ASP B 74 -29.03 -16.28 -4.04
C ASP B 74 -27.55 -16.28 -3.70
N LYS B 75 -27.21 -17.11 -2.73
CA LYS B 75 -25.84 -17.23 -2.26
C LYS B 75 -25.36 -18.66 -2.46
N ARG B 76 -25.01 -19.00 -3.71
CA ARG B 76 -24.61 -20.37 -4.01
C ARG B 76 -23.27 -20.70 -3.37
N ALA B 77 -22.99 -21.98 -3.08
CA ALA B 77 -21.75 -22.27 -2.39
C ALA B 77 -20.63 -22.46 -3.41
N GLU B 78 -21.02 -22.58 -4.67
CA GLU B 78 -20.10 -22.74 -5.79
C GLU B 78 -20.42 -21.70 -6.86
N HIS B 79 -19.44 -21.42 -7.71
CA HIS B 79 -19.50 -20.41 -8.79
C HIS B 79 -18.10 -20.17 -9.31
N GLY B 80 -18.00 -19.84 -10.60
CA GLY B 80 -16.72 -19.51 -11.22
C GLY B 80 -16.32 -18.06 -11.01
N GLN B 81 -15.49 -17.53 -11.90
CA GLN B 81 -14.98 -16.18 -11.70
C GLN B 81 -16.19 -15.27 -11.46
N PHE B 82 -16.11 -14.49 -10.39
CA PHE B 82 -17.31 -13.85 -9.86
C PHE B 82 -17.93 -12.79 -10.75
N ASN B 83 -17.11 -11.94 -11.36
CA ASN B 83 -17.67 -10.86 -12.16
C ASN B 83 -18.40 -11.38 -13.39
N ARG B 84 -17.89 -12.45 -13.99
CA ARG B 84 -18.56 -13.09 -15.11
C ARG B 84 -19.84 -13.77 -14.67
N TYR B 85 -19.77 -14.38 -13.49
CA TYR B 85 -20.91 -15.05 -12.89
C TYR B 85 -22.02 -14.05 -12.65
N ALA B 86 -21.66 -12.92 -12.04
CA ALA B 86 -22.61 -11.86 -11.76
C ALA B 86 -23.11 -11.22 -13.05
N ALA B 87 -22.22 -11.11 -14.04
CA ALA B 87 -22.58 -10.51 -15.33
C ALA B 87 -23.61 -11.37 -16.06
N MET B 88 -23.43 -12.69 -15.99
CA MET B 88 -24.37 -13.64 -16.59
C MET B 88 -25.75 -13.49 -15.96
N ALA B 89 -25.76 -13.30 -14.63
CA ALA B 89 -26.99 -13.06 -13.91
C ALA B 89 -27.64 -11.75 -14.37
N LEU B 90 -26.82 -10.72 -14.56
CA LEU B 90 -27.34 -9.41 -14.91
C LEU B 90 -27.90 -9.47 -16.32
N LYS B 91 -27.23 -10.24 -17.18
CA LYS B 91 -27.66 -10.45 -18.55
C LYS B 91 -29.04 -11.09 -18.58
N GLY B 92 -29.26 -12.02 -17.65
CA GLY B 92 -30.54 -12.68 -17.55
C GLY B 92 -31.59 -11.66 -17.19
N LEU B 93 -31.26 -10.77 -16.26
CA LEU B 93 -32.21 -9.78 -15.80
C LEU B 93 -32.52 -8.82 -16.96
N PHE B 94 -31.52 -8.45 -17.75
CA PHE B 94 -31.73 -7.53 -18.88
C PHE B 94 -32.74 -8.05 -19.90
N ASP B 95 -32.59 -9.31 -20.29
CA ASP B 95 -33.44 -9.90 -21.31
C ASP B 95 -34.87 -9.93 -20.78
N GLN B 96 -34.99 -10.33 -19.52
CA GLN B 96 -36.29 -10.49 -18.89
C GLN B 96 -36.99 -9.13 -18.81
N LEU B 97 -36.26 -8.08 -18.45
CA LEU B 97 -36.87 -6.75 -18.35
C LEU B 97 -36.98 -6.04 -19.69
N GLY B 98 -36.47 -6.66 -20.75
CA GLY B 98 -36.52 -6.05 -22.07
C GLY B 98 -35.63 -4.83 -22.25
N LEU B 99 -34.50 -4.77 -21.56
CA LEU B 99 -33.63 -3.60 -21.68
C LEU B 99 -32.78 -3.65 -22.96
N GLY B 100 -32.42 -2.47 -23.45
CA GLY B 100 -31.60 -2.33 -24.65
C GLY B 100 -30.16 -2.12 -24.24
N ARG B 101 -29.74 -0.86 -24.33
CA ARG B 101 -28.38 -0.43 -23.98
C ARG B 101 -28.46 0.52 -22.81
N VAL B 102 -27.89 0.08 -21.69
CA VAL B 102 -28.16 0.72 -20.42
C VAL B 102 -26.84 1.15 -19.78
N PRO B 103 -26.78 2.38 -19.26
CA PRO B 103 -25.54 2.84 -18.63
C PRO B 103 -25.37 2.08 -17.31
N LEU B 104 -24.14 1.88 -16.85
CA LEU B 104 -23.92 1.12 -15.63
C LEU B 104 -23.11 1.94 -14.62
N VAL B 105 -23.46 1.82 -13.35
CA VAL B 105 -22.75 2.50 -12.27
C VAL B 105 -22.23 1.45 -11.32
N GLY B 106 -20.93 1.43 -11.05
CA GLY B 106 -20.39 0.35 -10.24
C GLY B 106 -19.27 0.75 -9.31
N ASN B 107 -19.43 0.33 -8.06
CA ASN B 107 -18.46 0.59 -7.01
C ASN B 107 -17.71 -0.70 -6.74
N SER B 108 -16.39 -0.59 -6.63
CA SER B 108 -15.52 -1.71 -6.31
C SER B 108 -15.79 -3.06 -7.02
N LEU B 109 -16.23 -4.07 -6.28
CA LEU B 109 -16.65 -5.34 -6.86
C LEU B 109 -17.62 -5.16 -8.03
N GLY B 110 -18.67 -4.37 -7.79
CA GLY B 110 -19.71 -4.12 -8.77
C GLY B 110 -19.18 -3.39 -9.98
N GLY B 111 -18.20 -2.50 -9.78
CA GLY B 111 -17.47 -1.92 -10.88
C GLY B 111 -16.83 -2.97 -11.78
N GLY B 112 -16.24 -3.99 -11.17
CA GLY B 112 -15.67 -5.09 -11.91
C GLY B 112 -16.73 -5.86 -12.70
N THR B 113 -17.87 -6.07 -12.07
CA THR B 113 -18.99 -6.74 -12.73
C THR B 113 -19.53 -5.92 -13.89
N ALA B 114 -19.66 -4.60 -13.67
CA ALA B 114 -20.09 -3.68 -14.72
C ALA B 114 -19.21 -3.80 -15.95
N VAL B 115 -17.90 -3.80 -15.73
CA VAL B 115 -16.94 -3.87 -16.82
C VAL B 115 -17.01 -5.23 -17.55
N ARG B 116 -17.08 -6.31 -16.76
CA ARG B 116 -17.13 -7.67 -17.32
C ARG B 116 -18.37 -7.79 -18.20
N PHE B 117 -19.44 -7.15 -17.76
CA PHE B 117 -20.71 -7.17 -18.46
C PHE B 117 -20.60 -6.40 -19.77
N ALA B 118 -19.94 -5.24 -19.72
CA ALA B 118 -19.79 -4.38 -20.89
C ALA B 118 -18.90 -5.04 -21.94
N LEU B 119 -18.00 -5.90 -21.49
CA LEU B 119 -17.12 -6.63 -22.40
C LEU B 119 -17.83 -7.86 -22.97
N ASP B 120 -18.57 -8.57 -22.12
CA ASP B 120 -19.20 -9.82 -22.54
C ASP B 120 -20.48 -9.60 -23.34
N TYR B 121 -21.19 -8.51 -23.06
CA TYR B 121 -22.43 -8.22 -23.77
C TYR B 121 -22.40 -6.78 -24.29
N PRO B 122 -21.51 -6.51 -25.27
CA PRO B 122 -21.19 -5.12 -25.61
C PRO B 122 -22.38 -4.31 -26.08
N ALA B 123 -23.33 -4.93 -26.75
CA ALA B 123 -24.48 -4.20 -27.25
C ALA B 123 -25.39 -3.74 -26.11
N ARG B 124 -25.20 -4.30 -24.91
CA ARG B 124 -26.14 -4.06 -23.82
C ARG B 124 -25.70 -3.02 -22.80
N ALA B 125 -24.44 -2.57 -22.88
CA ALA B 125 -23.94 -1.58 -21.93
C ALA B 125 -23.67 -0.23 -22.57
N GLY B 126 -24.13 0.82 -21.91
CA GLY B 126 -23.90 2.18 -22.36
C GLY B 126 -22.74 2.76 -21.57
N ARG B 127 -22.84 4.04 -21.23
CA ARG B 127 -21.81 4.72 -20.46
C ARG B 127 -21.58 4.03 -19.12
N LEU B 128 -20.33 4.03 -18.66
CA LEU B 128 -20.00 3.43 -17.38
C LEU B 128 -19.53 4.49 -16.38
N VAL B 129 -20.00 4.38 -15.15
CA VAL B 129 -19.41 5.11 -14.04
C VAL B 129 -18.86 4.10 -13.05
N LEU B 130 -17.54 4.18 -12.83
CA LEU B 130 -16.85 3.13 -12.10
C LEU B 130 -16.09 3.76 -10.95
N MET B 131 -16.45 3.42 -9.71
CA MET B 131 -15.82 4.02 -8.54
C MET B 131 -14.92 3.01 -7.82
N GLY B 132 -13.62 3.32 -7.76
CA GLY B 132 -12.63 2.40 -7.23
C GLY B 132 -12.85 0.97 -7.70
N PRO B 133 -13.07 0.78 -9.01
CA PRO B 133 -13.52 -0.51 -9.53
C PRO B 133 -12.46 -1.62 -9.46
N GLY B 134 -12.92 -2.85 -9.26
CA GLY B 134 -12.05 -4.01 -9.33
C GLY B 134 -12.04 -4.42 -10.79
N GLY B 135 -11.28 -5.45 -11.13
CA GLY B 135 -11.39 -6.02 -12.47
C GLY B 135 -10.48 -5.29 -13.44
N LEU B 136 -10.82 -4.04 -13.74
CA LEU B 136 -10.04 -3.26 -14.71
C LEU B 136 -8.81 -2.64 -14.04
N SER B 137 -8.80 -2.62 -12.71
CA SER B 137 -7.68 -2.08 -11.97
C SER B 137 -6.53 -3.09 -11.90
N ILE B 138 -5.31 -2.58 -11.97
CA ILE B 138 -4.12 -3.40 -11.70
C ILE B 138 -3.13 -2.50 -10.97
N ASN B 139 -2.76 -2.89 -9.75
CA ASN B 139 -1.99 -2.00 -8.87
C ASN B 139 -0.52 -1.99 -9.27
N LEU B 140 -0.16 -1.03 -10.10
CA LEU B 140 1.16 -1.04 -10.71
C LEU B 140 2.29 -0.85 -9.72
N PHE B 141 1.99 -0.18 -8.60
CA PHE B 141 2.99 0.07 -7.56
C PHE B 141 2.68 -0.62 -6.25
N ALA B 142 1.41 -0.74 -5.90
CA ALA B 142 1.05 -1.34 -4.62
C ALA B 142 1.26 -2.85 -4.63
N PRO B 143 2.03 -3.38 -3.66
CA PRO B 143 2.18 -4.84 -3.58
C PRO B 143 0.83 -5.51 -3.32
N ASP B 144 0.57 -6.64 -3.98
CA ASP B 144 -0.68 -7.36 -3.77
C ASP B 144 -0.40 -8.57 -2.88
N PRO B 145 -1.33 -8.91 -1.98
CA PRO B 145 -2.61 -8.26 -1.71
C PRO B 145 -2.41 -6.92 -0.99
N THR B 146 -3.28 -5.95 -1.28
CA THR B 146 -3.25 -4.68 -0.58
C THR B 146 -3.73 -4.84 0.86
N GLU B 147 -3.53 -3.81 1.66
CA GLU B 147 -3.92 -3.85 3.06
C GLU B 147 -5.42 -4.04 3.19
N GLY B 148 -6.16 -3.47 2.25
CA GLY B 148 -7.60 -3.60 2.22
C GLY B 148 -8.03 -5.06 2.05
N VAL B 149 -7.39 -5.71 1.08
CA VAL B 149 -7.68 -7.09 0.70
C VAL B 149 -7.24 -8.04 1.81
N LYS B 150 -6.12 -7.72 2.45
CA LYS B 150 -5.64 -8.50 3.58
C LYS B 150 -6.63 -8.56 4.73
N ARG B 151 -7.24 -7.43 5.06
CA ARG B 151 -8.14 -7.35 6.19
C ARG B 151 -9.47 -8.02 5.84
N LEU B 152 -9.83 -7.92 4.57
CA LEU B 152 -10.99 -8.65 4.06
C LEU B 152 -10.82 -10.17 4.13
N SER B 153 -9.65 -10.64 3.72
CA SER B 153 -9.28 -12.06 3.83
C SER B 153 -9.26 -12.56 5.26
N LYS B 154 -8.70 -11.74 6.13
CA LYS B 154 -8.52 -12.08 7.53
C LYS B 154 -9.92 -12.32 8.12
N PHE B 155 -10.88 -11.47 7.76
CA PHE B 155 -12.27 -11.68 8.17
C PHE B 155 -12.82 -12.99 7.64
N SER B 156 -12.50 -13.34 6.39
CA SER B 156 -13.00 -14.56 5.80
C SER B 156 -12.53 -15.78 6.59
N VAL B 157 -11.29 -15.71 7.07
CA VAL B 157 -10.73 -16.81 7.86
C VAL B 157 -11.26 -16.81 9.30
N ALA B 158 -11.52 -15.63 9.82
CA ALA B 158 -11.88 -15.44 11.22
C ALA B 158 -12.93 -14.34 11.31
N PRO B 159 -14.20 -14.70 11.07
CA PRO B 159 -15.28 -13.71 10.90
C PRO B 159 -15.77 -13.13 12.23
N THR B 160 -14.96 -12.26 12.82
CA THR B 160 -15.31 -11.67 14.11
C THR B 160 -15.70 -10.23 13.87
N ARG B 161 -16.45 -9.68 14.81
CA ARG B 161 -16.82 -8.28 14.76
C ARG B 161 -15.60 -7.39 14.68
N GLU B 162 -14.59 -7.74 15.48
CA GLU B 162 -13.40 -6.93 15.56
C GLU B 162 -12.73 -6.89 14.19
N ASN B 163 -12.69 -8.03 13.50
CA ASN B 163 -12.04 -8.08 12.17
C ASN B 163 -12.83 -7.39 11.08
N LEU B 164 -14.16 -7.43 11.17
CA LEU B 164 -15.00 -6.68 10.24
C LEU B 164 -14.82 -5.18 10.42
N GLU B 165 -14.81 -4.72 11.67
CA GLU B 165 -14.59 -3.31 11.97
C GLU B 165 -13.26 -2.86 11.39
N ALA B 166 -12.24 -3.71 11.51
CA ALA B 166 -10.90 -3.33 11.05
C ALA B 166 -10.95 -3.16 9.53
N PHE B 167 -11.70 -4.03 8.85
CA PHE B 167 -11.82 -3.90 7.40
C PHE B 167 -12.58 -2.65 7.02
N LEU B 168 -13.69 -2.42 7.71
CA LEU B 168 -14.50 -1.26 7.40
C LEU B 168 -13.69 0.00 7.62
N ARG B 169 -12.87 0.03 8.66
CA ARG B 169 -12.05 1.22 8.92
C ARG B 169 -10.95 1.55 7.89
N VAL B 170 -10.41 0.60 7.13
CA VAL B 170 -9.44 0.97 6.08
C VAL B 170 -10.15 1.10 4.75
N MET B 171 -11.48 1.01 4.79
CA MET B 171 -12.30 1.23 3.63
C MET B 171 -12.56 2.70 3.37
N VAL B 172 -12.36 3.55 4.38
CA VAL B 172 -12.87 4.91 4.33
C VAL B 172 -11.74 5.81 4.82
N TYR B 173 -11.73 7.04 4.34
CA TYR B 173 -10.81 8.04 4.86
C TYR B 173 -11.21 8.51 6.26
N ASP B 174 -12.47 8.91 6.38
CA ASP B 174 -13.03 9.41 7.63
C ASP B 174 -13.59 8.27 8.46
N LYS B 175 -12.85 7.84 9.47
CA LYS B 175 -13.26 6.68 10.25
C LYS B 175 -14.51 6.91 11.09
N ASN B 176 -14.89 8.16 11.31
CA ASN B 176 -16.14 8.42 12.02
C ASN B 176 -17.38 7.93 11.26
N LEU B 177 -17.24 7.60 9.98
CA LEU B 177 -18.36 7.00 9.27
C LEU B 177 -18.63 5.58 9.74
N ILE B 178 -17.61 4.95 10.33
CA ILE B 178 -17.75 3.59 10.85
C ILE B 178 -18.36 3.62 12.24
N THR B 179 -19.69 3.76 12.32
CA THR B 179 -20.35 3.81 13.61
C THR B 179 -20.55 2.40 14.18
N PRO B 180 -20.63 2.28 15.52
CA PRO B 180 -20.91 0.99 16.16
C PRO B 180 -22.13 0.31 15.55
N GLU B 181 -23.12 1.13 15.18
CA GLU B 181 -24.39 0.65 14.63
C GLU B 181 -24.18 0.06 13.23
N LEU B 182 -23.37 0.74 12.44
CA LEU B 182 -23.00 0.25 11.12
C LEU B 182 -22.30 -1.09 11.23
N VAL B 183 -21.31 -1.17 12.10
CA VAL B 183 -20.54 -2.39 12.31
C VAL B 183 -21.55 -3.47 12.66
N ASP B 184 -22.46 -3.15 13.58
CA ASP B 184 -23.39 -4.15 14.09
C ASP B 184 -24.32 -4.58 12.96
N GLN B 185 -24.74 -3.63 12.13
CA GLN B 185 -25.64 -3.95 11.03
C GLN B 185 -24.97 -4.85 9.99
N ARG B 186 -23.78 -4.47 9.56
CA ARG B 186 -23.01 -5.28 8.62
C ARG B 186 -22.69 -6.67 9.18
N PHE B 187 -22.27 -6.71 10.44
CA PHE B 187 -21.84 -7.95 11.08
C PHE B 187 -22.98 -8.95 11.21
N ALA B 188 -24.16 -8.46 11.59
CA ALA B 188 -25.30 -9.34 11.70
C ALA B 188 -25.57 -9.99 10.35
N LEU B 189 -25.51 -9.20 9.28
CA LEU B 189 -25.75 -9.73 7.94
C LEU B 189 -24.62 -10.64 7.45
N ALA B 190 -23.37 -10.26 7.73
CA ALA B 190 -22.22 -11.00 7.19
C ALA B 190 -22.02 -12.34 7.89
N SER B 191 -22.56 -12.46 9.10
CA SER B 191 -22.26 -13.57 9.99
C SER B 191 -23.23 -14.73 9.80
N THR B 192 -24.24 -14.57 8.96
CA THR B 192 -25.21 -15.65 8.76
C THR B 192 -24.52 -16.77 7.99
N PRO B 193 -24.98 -18.01 8.20
CA PRO B 193 -24.33 -19.11 7.49
C PRO B 193 -24.44 -19.03 5.97
N GLU B 194 -25.50 -18.45 5.40
CA GLU B 194 -25.54 -18.30 3.94
C GLU B 194 -24.45 -17.33 3.48
N SER B 195 -24.32 -16.26 4.25
CA SER B 195 -23.34 -15.26 3.90
C SER B 195 -21.92 -15.77 4.02
N LEU B 196 -21.64 -16.63 5.00
CA LEU B 196 -20.30 -17.17 5.10
C LEU B 196 -20.07 -18.16 3.96
N THR B 197 -21.13 -18.86 3.55
CA THR B 197 -21.04 -19.73 2.39
C THR B 197 -20.71 -18.91 1.16
N ALA B 198 -21.32 -17.73 1.05
CA ALA B 198 -21.05 -16.87 -0.09
C ALA B 198 -19.60 -16.39 -0.05
N THR B 199 -19.13 -16.10 1.15
CA THR B 199 -17.75 -15.65 1.36
C THR B 199 -16.74 -16.76 1.02
N ARG B 200 -17.02 -17.96 1.47
CA ARG B 200 -16.19 -19.12 1.18
C ARG B 200 -16.18 -19.44 -0.32
N ALA B 201 -17.33 -19.26 -0.95
CA ALA B 201 -17.46 -19.50 -2.39
C ALA B 201 -16.61 -18.50 -3.17
N MET B 202 -16.61 -17.25 -2.74
CA MET B 202 -15.85 -16.20 -3.39
C MET B 202 -14.36 -16.54 -3.38
N GLY B 203 -13.86 -16.95 -2.22
CA GLY B 203 -12.45 -17.28 -2.08
C GLY B 203 -12.01 -18.41 -2.99
N LYS B 204 -12.79 -19.49 -3.04
CA LYS B 204 -12.46 -20.62 -3.92
C LYS B 204 -12.49 -20.26 -5.40
N SER B 205 -13.39 -19.37 -5.79
CA SER B 205 -13.51 -19.01 -7.20
C SER B 205 -12.21 -18.39 -7.71
N PHE B 206 -11.43 -17.81 -6.80
CA PHE B 206 -10.17 -17.18 -7.16
C PHE B 206 -9.20 -18.23 -7.72
N ALA B 207 -9.40 -19.48 -7.32
CA ALA B 207 -8.51 -20.57 -7.70
C ALA B 207 -8.91 -21.15 -9.05
N GLY B 208 -9.95 -20.57 -9.65
CA GLY B 208 -10.53 -21.11 -10.88
C GLY B 208 -9.63 -20.97 -12.09
N ALA B 209 -9.86 -21.83 -13.08
CA ALA B 209 -9.10 -21.79 -14.33
C ALA B 209 -9.50 -20.58 -15.18
N ASP B 210 -10.66 -20.01 -14.88
CA ASP B 210 -11.16 -18.83 -15.58
C ASP B 210 -10.69 -17.51 -14.96
N PHE B 211 -9.57 -17.53 -14.24
CA PHE B 211 -9.07 -16.33 -13.57
C PHE B 211 -8.78 -15.15 -14.50
N GLU B 212 -8.41 -15.46 -15.74
CA GLU B 212 -8.04 -14.43 -16.69
C GLU B 212 -9.23 -13.50 -16.96
N ALA B 213 -10.43 -14.04 -16.73
CA ALA B 213 -11.67 -13.28 -16.86
C ALA B 213 -11.73 -12.07 -15.93
N GLY B 214 -10.97 -12.12 -14.83
CA GLY B 214 -10.94 -11.03 -13.87
C GLY B 214 -9.86 -10.01 -14.19
N MET B 215 -9.04 -10.31 -15.18
CA MET B 215 -7.91 -9.46 -15.53
C MET B 215 -8.32 -8.47 -16.62
N MET B 216 -9.29 -7.61 -16.31
CA MET B 216 -10.01 -6.89 -17.34
C MET B 216 -9.21 -5.71 -17.90
N TRP B 217 -8.14 -5.34 -17.20
CA TRP B 217 -7.19 -4.35 -17.73
C TRP B 217 -6.63 -4.80 -19.10
N ARG B 218 -6.68 -6.11 -19.33
CA ARG B 218 -6.26 -6.70 -20.61
C ARG B 218 -7.21 -6.40 -21.77
N GLU B 219 -8.44 -6.02 -21.46
CA GLU B 219 -9.50 -6.02 -22.48
C GLU B 219 -10.24 -4.71 -22.69
N VAL B 220 -10.11 -3.77 -21.75
CA VAL B 220 -10.92 -2.57 -21.82
C VAL B 220 -10.55 -1.60 -22.93
N TYR B 221 -9.39 -1.76 -23.55
CA TYR B 221 -9.10 -1.01 -24.76
C TYR B 221 -10.23 -1.20 -25.79
N ARG B 222 -10.96 -2.30 -25.64
CA ARG B 222 -12.10 -2.60 -26.51
C ARG B 222 -13.39 -1.84 -26.20
N LEU B 223 -13.47 -1.15 -25.06
CA LEU B 223 -14.70 -0.47 -24.72
C LEU B 223 -14.83 0.76 -25.63
N ARG B 224 -16.01 0.94 -26.23
CA ARG B 224 -16.27 2.05 -27.14
C ARG B 224 -17.05 3.21 -26.53
N GLN B 225 -17.66 2.98 -25.39
CA GLN B 225 -18.51 3.99 -24.77
C GLN B 225 -17.70 4.95 -23.91
N PRO B 226 -18.28 6.11 -23.56
CA PRO B 226 -17.60 6.95 -22.58
C PRO B 226 -17.53 6.24 -21.24
N VAL B 227 -16.43 6.42 -20.51
CA VAL B 227 -16.29 5.78 -19.21
C VAL B 227 -15.75 6.81 -18.24
N LEU B 228 -16.47 7.03 -17.14
CA LEU B 228 -15.97 7.89 -16.09
C LEU B 228 -15.46 7.13 -14.86
N LEU B 229 -14.14 7.13 -14.70
CA LEU B 229 -13.48 6.52 -13.55
C LEU B 229 -13.49 7.49 -12.37
N ILE B 230 -13.85 7.03 -11.18
CA ILE B 230 -13.80 7.86 -9.98
C ILE B 230 -13.00 7.14 -8.89
N TRP B 231 -12.03 7.83 -8.28
CA TRP B 231 -11.20 7.22 -7.25
C TRP B 231 -11.03 8.11 -6.02
N GLY B 232 -11.00 7.49 -4.85
CA GLY B 232 -10.46 8.13 -3.65
C GLY B 232 -8.94 8.07 -3.63
N ARG B 233 -8.30 9.22 -3.49
CA ARG B 233 -6.85 9.28 -3.40
C ARG B 233 -6.33 8.31 -2.33
N GLU B 234 -7.10 8.11 -1.26
CA GLU B 234 -6.66 7.32 -0.11
C GLU B 234 -7.26 5.91 -0.07
N ASP B 235 -7.66 5.40 -1.23
CA ASP B 235 -8.28 4.08 -1.31
C ASP B 235 -7.21 3.06 -0.92
N ARG B 236 -7.48 2.24 0.09
CA ARG B 236 -6.49 1.26 0.55
C ARG B 236 -6.88 -0.18 0.18
N VAL B 237 -7.91 -0.32 -0.65
CA VAL B 237 -8.41 -1.62 -1.10
C VAL B 237 -7.96 -1.77 -2.54
N ASN B 238 -8.37 -0.81 -3.35
CA ASN B 238 -7.98 -0.72 -4.74
C ASN B 238 -7.31 0.62 -4.92
N PRO B 239 -5.99 0.68 -4.74
CA PRO B 239 -5.36 2.00 -4.63
C PRO B 239 -5.30 2.72 -5.98
N LEU B 240 -4.96 4.00 -5.90
CA LEU B 240 -5.08 4.89 -7.04
C LEU B 240 -4.24 4.48 -8.26
N ASP B 241 -3.10 3.84 -8.03
CA ASP B 241 -2.25 3.37 -9.13
C ASP B 241 -2.93 2.33 -10.00
N GLY B 242 -4.03 1.75 -9.53
CA GLY B 242 -4.78 0.79 -10.31
C GLY B 242 -5.63 1.40 -11.41
N ALA B 243 -5.77 2.72 -11.43
CA ALA B 243 -6.57 3.43 -12.44
C ALA B 243 -5.85 3.59 -13.78
N LEU B 244 -4.53 3.41 -13.76
CA LEU B 244 -3.69 3.94 -14.84
C LEU B 244 -3.81 3.23 -16.18
N VAL B 245 -3.84 1.89 -16.18
CA VAL B 245 -3.98 1.15 -17.43
C VAL B 245 -5.30 1.50 -18.11
N ALA B 246 -6.37 1.52 -17.32
CA ALA B 246 -7.71 1.77 -17.85
C ALA B 246 -7.82 3.20 -18.41
N LEU B 247 -7.32 4.17 -17.65
CA LEU B 247 -7.26 5.55 -18.14
C LEU B 247 -6.54 5.64 -19.48
N LYS B 248 -5.43 4.92 -19.60
CA LYS B 248 -4.62 4.99 -20.81
C LYS B 248 -5.32 4.32 -22.01
N THR B 249 -5.90 3.16 -21.77
CA THR B 249 -6.31 2.30 -22.86
C THR B 249 -7.77 2.45 -23.28
N ILE B 250 -8.62 2.98 -22.39
CA ILE B 250 -10.03 3.20 -22.75
C ILE B 250 -10.16 4.51 -23.52
N PRO B 251 -10.57 4.44 -24.81
CA PRO B 251 -10.43 5.63 -25.66
C PRO B 251 -11.19 6.87 -25.19
N ARG B 252 -12.42 6.70 -24.74
CA ARG B 252 -13.23 7.82 -24.27
C ARG B 252 -13.30 7.92 -22.75
N ALA B 253 -12.19 7.59 -22.10
CA ALA B 253 -12.11 7.62 -20.64
C ALA B 253 -12.05 9.03 -20.06
N GLN B 254 -12.53 9.15 -18.82
CA GLN B 254 -12.21 10.29 -17.97
C GLN B 254 -11.85 9.74 -16.59
N LEU B 255 -11.18 10.54 -15.76
CA LEU B 255 -10.88 10.14 -14.39
C LEU B 255 -11.11 11.32 -13.44
N HIS B 256 -11.78 11.07 -12.34
CA HIS B 256 -11.86 12.04 -11.26
C HIS B 256 -11.30 11.43 -9.97
N VAL B 257 -10.41 12.16 -9.31
CA VAL B 257 -9.81 11.72 -8.05
C VAL B 257 -10.15 12.67 -6.92
N PHE B 258 -10.71 12.13 -5.84
CA PHE B 258 -11.01 12.92 -4.65
C PHE B 258 -9.95 12.74 -3.58
N GLY B 259 -9.36 13.84 -3.14
CA GLY B 259 -8.49 13.81 -1.99
C GLY B 259 -9.37 13.64 -0.78
N GLN B 260 -8.85 13.04 0.27
CA GLN B 260 -9.62 12.78 1.49
C GLN B 260 -10.83 11.88 1.23
N CYS B 261 -10.59 10.78 0.54
CA CYS B 261 -11.66 9.87 0.18
C CYS B 261 -11.06 8.47 0.03
N GLY B 262 -11.76 7.48 0.58
CA GLY B 262 -11.34 6.09 0.48
C GLY B 262 -12.03 5.28 -0.59
N HIS B 263 -12.24 4.01 -0.27
CA HIS B 263 -12.75 3.03 -1.23
C HIS B 263 -14.25 3.24 -1.48
N TRP B 264 -14.95 3.75 -0.47
CA TRP B 264 -16.41 3.89 -0.51
C TRP B 264 -16.82 5.28 -1.07
N VAL B 265 -16.52 5.54 -2.34
CA VAL B 265 -16.69 6.89 -2.92
C VAL B 265 -18.09 7.51 -2.81
N GLN B 266 -19.12 6.71 -3.08
CA GLN B 266 -20.48 7.23 -3.21
C GLN B 266 -21.08 7.68 -1.87
N VAL B 267 -20.46 7.22 -0.79
CA VAL B 267 -20.78 7.64 0.58
C VAL B 267 -19.89 8.78 1.04
N GLU B 268 -18.59 8.60 0.91
CA GLU B 268 -17.65 9.56 1.47
C GLU B 268 -17.61 10.86 0.70
N LYS B 269 -17.95 10.81 -0.59
CA LYS B 269 -18.02 12.01 -1.42
C LYS B 269 -19.37 12.05 -2.13
N PHE B 270 -20.43 11.83 -1.39
CA PHE B 270 -21.75 11.58 -1.98
C PHE B 270 -22.33 12.74 -2.80
N ASP B 271 -22.27 13.97 -2.31
CA ASP B 271 -22.81 15.08 -3.10
C ASP B 271 -22.05 15.27 -4.41
N GLU B 272 -20.73 15.21 -4.35
CA GLU B 272 -19.92 15.40 -5.56
C GLU B 272 -20.13 14.25 -6.53
N PHE B 273 -20.21 13.04 -5.99
CA PHE B 273 -20.43 11.86 -6.82
C PHE B 273 -21.78 11.93 -7.53
N ASN B 274 -22.83 12.28 -6.79
CA ASN B 274 -24.16 12.37 -7.38
C ASN B 274 -24.19 13.36 -8.54
N LYS B 275 -23.59 14.53 -8.33
CA LYS B 275 -23.58 15.57 -9.36
C LYS B 275 -22.76 15.16 -10.57
N LEU B 276 -21.60 14.57 -10.33
CA LEU B 276 -20.77 14.08 -11.41
C LEU B 276 -21.53 13.04 -12.25
N THR B 277 -22.23 12.14 -11.57
CA THR B 277 -22.87 11.00 -12.21
C THR B 277 -24.05 11.48 -13.06
N ILE B 278 -24.83 12.39 -12.49
CA ILE B 278 -26.02 12.91 -13.15
C ILE B 278 -25.63 13.65 -14.43
N GLU B 279 -24.61 14.50 -14.35
CA GLU B 279 -24.13 15.20 -15.55
C GLU B 279 -23.60 14.24 -16.60
N PHE B 280 -22.76 13.30 -16.18
CA PHE B 280 -22.13 12.38 -17.11
C PHE B 280 -23.15 11.50 -17.82
N LEU B 281 -24.20 11.12 -17.10
CA LEU B 281 -25.24 10.25 -17.63
C LEU B 281 -26.37 11.02 -18.32
N GLY B 282 -26.60 12.26 -17.90
CA GLY B 282 -27.43 13.19 -18.65
C GLY B 282 -27.67 14.50 -17.92
N12 6OT C . 10.46 5.53 5.98
C01 6OT C . 11.91 4.36 10.48
C02 6OT C . 11.90 2.97 10.39
C03 6OT C . 11.90 2.35 9.15
C04 6OT C . 11.93 3.12 8.00
C05 6OT C . 11.93 4.50 8.09
C06 6OT C . 11.93 5.13 9.33
CL7 6OT C . 11.91 5.11 12.03
CL8 6OT C . 11.89 0.63 9.04
S09 6OT C . 11.96 5.46 6.62
O10 6OT C . 12.50 6.78 6.88
O11 6OT C . 12.93 4.91 5.71
H121 6OT C . 10.49 5.13 4.97
H122 6OT C . 10.14 6.56 5.94
H021 6OT C . 11.89 2.38 11.29
H041 6OT C . 11.93 2.64 7.03
H061 6OT C . 11.94 6.21 9.39
P PO4 D . 1.03 -10.05 7.08
O1 PO4 D . 2.14 -9.93 6.06
O2 PO4 D . 1.63 -9.95 8.47
O3 PO4 D . 0.34 -11.37 6.91
O4 PO4 D . 0.04 -8.93 6.89
N12 6OT E . -10.73 -5.67 -5.65
C01 6OT E . -14.13 -7.96 -3.08
C02 6OT E . -14.43 -7.05 -2.08
C03 6OT E . -14.08 -5.71 -2.25
C04 6OT E . -13.43 -5.30 -3.41
C05 6OT E . -13.15 -6.23 -4.40
C06 6OT E . -13.49 -7.55 -4.24
CL7 6OT E . -14.54 -9.62 -2.92
CL8 6OT E . -14.45 -4.58 -1.00
S09 6OT E . -12.34 -5.75 -5.89
O10 6OT E . -12.89 -4.50 -6.36
O11 6OT E . -12.66 -6.67 -6.95
H121 6OT E . -10.24 -6.38 -6.28
H122 6OT E . -10.39 -4.68 -5.87
H021 6OT E . -14.92 -7.38 -1.19
H041 6OT E . -13.17 -4.27 -3.54
H061 6OT E . -13.27 -8.27 -5.02
#